data_7HHH
#
_entry.id   7HHH
#
_cell.length_a   41.390
_cell.length_b   41.960
_cell.length_c   158.740
_cell.angle_alpha   90.00
_cell.angle_beta   90.00
_cell.angle_gamma   90.00
#
_symmetry.space_group_name_H-M   'P 21 21 21'
#
loop_
_entity.id
_entity.type
_entity.pdbx_description
1 polymer 'Hepatoma-derived growth factor-related protein 2'
2 non-polymer 'SULFATE ION'
3 non-polymer 1,2-ETHANEDIOL
4 non-polymer 1-[(1-methyl-1H-pyrazol-4-yl)methyl]piperazine
5 water water
#
_entity_poly.entity_id   1
_entity_poly.type   'polypeptide(L)'
_entity_poly.pdbx_seq_one_letter_code
;GMPHAFKPGDLVFAKMKGYPHWPARIDDIADGAVKPPPNKYPIFFFGTHETAFLGPKDLFPYDKSKDKYGKPNKRKGFNE
GLWEIQNNPHASYS
;
_entity_poly.pdbx_strand_id   A,B,C
#
# COMPACT_ATOMS: atom_id res chain seq x y z
N MET A 2 4.86 -16.55 22.26
CA MET A 2 6.27 -16.27 21.92
C MET A 2 6.41 -15.82 20.46
N PRO A 3 7.24 -14.77 20.21
CA PRO A 3 7.43 -14.20 18.87
C PRO A 3 7.85 -15.18 17.78
N HIS A 4 7.35 -14.95 16.56
CA HIS A 4 7.84 -15.68 15.42
C HIS A 4 8.84 -14.76 14.71
N ALA A 5 9.41 -15.27 13.62
CA ALA A 5 10.10 -14.44 12.65
C ALA A 5 9.11 -13.46 12.01
N PHE A 6 9.61 -12.33 11.50
CA PHE A 6 8.76 -11.40 10.77
C PHE A 6 8.21 -12.06 9.51
N LYS A 7 6.97 -11.72 9.15
CA LYS A 7 6.41 -12.20 7.89
C LYS A 7 5.69 -11.04 7.21
N PRO A 8 5.43 -11.15 5.88
CA PRO A 8 4.62 -10.14 5.20
C PRO A 8 3.30 -9.89 5.92
N GLY A 9 2.94 -8.60 6.01
CA GLY A 9 1.72 -8.20 6.66
C GLY A 9 1.94 -7.74 8.10
N ASP A 10 3.07 -8.11 8.71
CA ASP A 10 3.35 -7.61 10.05
C ASP A 10 3.49 -6.10 10.10
N LEU A 11 2.92 -5.45 11.15
CA LEU A 11 2.95 -3.99 11.23
C LEU A 11 4.01 -3.61 12.25
N VAL A 12 4.75 -2.55 11.91
CA VAL A 12 5.90 -2.16 12.73
C VAL A 12 6.03 -0.65 12.79
N PHE A 13 6.90 -0.18 13.69
CA PHE A 13 7.59 1.06 13.44
C PHE A 13 9.02 0.70 12.96
N ALA A 14 9.45 1.34 11.86
CA ALA A 14 10.72 1.02 11.23
C ALA A 14 11.66 2.23 11.39
N LYS A 15 12.92 1.93 11.76
CA LYS A 15 13.87 2.97 12.09
C LYS A 15 14.93 3.06 10.98
N MET A 16 15.09 4.28 10.45
CA MET A 16 16.12 4.65 9.49
C MET A 16 16.90 5.81 10.10
N LYS A 17 18.20 5.86 9.81
CA LYS A 17 19.06 6.99 10.16
C LYS A 17 18.39 8.31 9.80
N GLY A 18 18.30 9.21 10.78
CA GLY A 18 17.89 10.58 10.51
C GLY A 18 16.37 10.71 10.45
N TYR A 19 15.62 9.61 10.66
CA TYR A 19 14.17 9.75 10.72
C TYR A 19 13.66 9.20 12.04
N PRO A 20 12.48 9.66 12.54
CA PRO A 20 11.87 9.11 13.74
C PRO A 20 11.35 7.72 13.34
N HIS A 21 11.19 6.84 14.34
CA HIS A 21 10.55 5.54 14.17
C HIS A 21 9.27 5.75 13.37
N TRP A 22 9.09 5.00 12.26
CA TRP A 22 8.08 5.37 11.27
C TRP A 22 7.05 4.26 11.06
N PRO A 23 5.72 4.55 10.98
CA PRO A 23 4.72 3.49 10.78
C PRO A 23 4.94 2.78 9.44
N ALA A 24 4.96 1.46 9.48
CA ALA A 24 5.39 0.67 8.32
C ALA A 24 4.84 -0.74 8.39
N ARG A 25 4.96 -1.47 7.26
CA ARG A 25 4.58 -2.87 7.27
C ARG A 25 5.66 -3.67 6.56
N ILE A 26 5.77 -4.95 6.90
CA ILE A 26 6.53 -5.88 6.07
C ILE A 26 5.70 -6.17 4.81
N ASP A 27 6.30 -5.90 3.64
CA ASP A 27 5.61 -6.14 2.38
C ASP A 27 5.87 -7.55 1.87
N ASP A 28 4.98 -7.99 0.96
CA ASP A 28 5.23 -9.13 0.12
C ASP A 28 6.15 -8.67 -1.01
N ILE A 29 6.72 -9.63 -1.73
CA ILE A 29 7.46 -9.33 -2.96
C ILE A 29 6.58 -9.91 -4.06
N ALA A 30 6.15 -9.06 -5.01
CA ALA A 30 5.26 -9.49 -6.08
C ALA A 30 6.03 -10.44 -7.00
N ASP A 31 5.28 -11.35 -7.61
CA ASP A 31 5.92 -12.18 -8.62
C ASP A 31 6.58 -11.26 -9.63
N GLY A 32 7.86 -11.54 -9.94
CA GLY A 32 8.59 -10.84 -10.99
C GLY A 32 9.25 -9.56 -10.49
N ALA A 33 8.99 -9.20 -9.22
CA ALA A 33 9.55 -8.00 -8.61
C ALA A 33 10.95 -8.24 -8.05
N VAL A 34 11.70 -7.14 -7.91
CA VAL A 34 13.04 -7.13 -7.32
C VAL A 34 12.97 -7.58 -5.86
N LYS A 35 13.77 -8.60 -5.54
CA LYS A 35 13.87 -9.18 -4.20
C LYS A 35 14.84 -8.37 -3.36
N PRO A 36 14.67 -8.39 -2.00
CA PRO A 36 15.59 -7.72 -1.09
C PRO A 36 16.92 -8.45 -1.06
N PRO A 37 17.98 -7.80 -0.54
CA PRO A 37 19.20 -8.52 -0.15
C PRO A 37 18.92 -9.59 0.89
N PRO A 38 19.80 -10.61 1.01
CA PRO A 38 19.80 -11.53 2.14
C PRO A 38 19.75 -10.81 3.49
N ASN A 39 18.95 -11.41 4.35
CA ASN A 39 18.68 -11.03 5.73
C ASN A 39 17.91 -9.72 5.84
N LYS A 40 17.37 -9.19 4.73
CA LYS A 40 16.62 -7.93 4.73
C LYS A 40 15.17 -8.19 4.31
N TYR A 41 14.26 -7.34 4.81
CA TYR A 41 12.83 -7.42 4.54
C TYR A 41 12.47 -6.18 3.73
N PRO A 42 11.48 -6.27 2.82
CA PRO A 42 11.00 -5.09 2.11
C PRO A 42 10.08 -4.35 3.07
N ILE A 43 10.45 -3.12 3.44
CA ILE A 43 9.60 -2.36 4.35
C ILE A 43 8.82 -1.34 3.55
N PHE A 44 7.49 -1.34 3.72
CA PHE A 44 6.71 -0.27 3.12
C PHE A 44 6.33 0.75 4.20
N PHE A 45 6.75 2.01 4.01
CA PHE A 45 6.54 3.10 4.97
C PHE A 45 5.16 3.70 4.68
N PHE A 46 4.27 3.68 5.68
CA PHE A 46 3.00 4.37 5.48
C PHE A 46 3.22 5.88 5.36
N GLY A 47 2.29 6.53 4.67
CA GLY A 47 2.32 7.96 4.50
C GLY A 47 3.16 8.36 3.29
N THR A 48 4.47 8.03 3.33
CA THR A 48 5.36 8.36 2.22
C THR A 48 5.16 7.37 1.09
N HIS A 49 4.71 6.17 1.46
CA HIS A 49 4.54 5.05 0.55
C HIS A 49 5.86 4.65 -0.12
N GLU A 50 6.99 4.90 0.57
CA GLU A 50 8.30 4.49 0.10
C GLU A 50 8.65 3.08 0.61
N THR A 51 9.57 2.39 -0.08
CA THR A 51 10.03 1.07 0.30
C THR A 51 11.52 1.19 0.62
N ALA A 52 11.97 0.54 1.70
CA ALA A 52 13.38 0.32 1.89
C ALA A 52 13.57 -1.10 2.40
N PHE A 53 14.83 -1.55 2.42
CA PHE A 53 15.14 -2.88 2.88
C PHE A 53 15.80 -2.76 4.23
N LEU A 54 15.21 -3.45 5.24
CA LEU A 54 15.72 -3.32 6.59
C LEU A 54 15.81 -4.70 7.23
N GLY A 55 16.72 -4.82 8.22
CA GLY A 55 16.79 -6.01 9.04
C GLY A 55 16.03 -5.81 10.37
N PRO A 56 15.81 -6.91 11.11
CA PRO A 56 15.05 -6.90 12.38
C PRO A 56 15.50 -5.90 13.43
N LYS A 57 16.80 -5.55 13.47
CA LYS A 57 17.28 -4.56 14.43
C LYS A 57 16.62 -3.20 14.30
N ASP A 58 16.02 -2.92 13.12
CA ASP A 58 15.36 -1.66 12.88
C ASP A 58 13.82 -1.77 12.84
N LEU A 59 13.26 -2.93 13.24
CA LEU A 59 11.82 -3.21 13.12
C LEU A 59 11.27 -3.43 14.52
N PHE A 60 10.38 -2.53 14.95
CA PHE A 60 9.74 -2.59 16.27
C PHE A 60 8.26 -2.95 16.10
N PRO A 61 7.80 -4.11 16.58
CA PRO A 61 6.39 -4.48 16.41
C PRO A 61 5.40 -3.40 16.89
N TYR A 62 4.37 -3.14 16.05
CA TYR A 62 3.52 -1.98 16.20
C TYR A 62 2.77 -1.98 17.55
N ASP A 63 2.15 -3.10 17.91
CA ASP A 63 1.29 -3.14 19.10
C ASP A 63 2.08 -2.76 20.36
N LYS A 64 3.27 -3.36 20.53
CA LYS A 64 4.16 -3.05 21.65
C LYS A 64 4.62 -1.59 21.67
N SER A 65 4.80 -0.96 20.49
CA SER A 65 5.59 0.27 20.37
C SER A 65 4.71 1.50 20.15
N LYS A 66 3.40 1.28 19.95
CA LYS A 66 2.56 2.37 19.49
C LYS A 66 2.41 3.48 20.52
N ASP A 67 2.49 3.11 21.82
N ASP A 67 2.41 3.10 21.81
CA ASP A 67 2.36 4.07 22.90
CA ASP A 67 2.37 4.07 22.88
C ASP A 67 3.58 5.01 22.94
C ASP A 67 3.52 5.07 22.68
N LYS A 68 4.72 4.52 22.46
CA LYS A 68 5.93 5.31 22.44
C LYS A 68 6.08 6.13 21.16
N TYR A 69 5.85 5.50 20.00
CA TYR A 69 6.26 6.09 18.75
C TYR A 69 5.06 6.57 17.92
N GLY A 70 3.85 6.24 18.35
CA GLY A 70 2.65 6.55 17.57
C GLY A 70 2.05 7.90 17.96
N LYS A 71 2.81 8.97 17.76
CA LYS A 71 2.41 10.32 18.14
C LYS A 71 2.70 11.24 16.95
N PRO A 72 1.91 12.31 16.73
CA PRO A 72 2.13 13.18 15.58
C PRO A 72 3.56 13.69 15.47
N ASN A 73 3.99 13.90 14.22
CA ASN A 73 5.34 14.34 13.91
C ASN A 73 5.24 15.34 12.76
N LYS A 74 6.14 16.32 12.76
CA LYS A 74 6.15 17.37 11.76
C LYS A 74 6.49 16.80 10.38
N ARG A 75 7.21 15.67 10.35
CA ARG A 75 7.84 15.18 9.12
C ARG A 75 6.80 14.84 8.04
N LYS A 76 7.19 15.04 6.77
CA LYS A 76 6.31 14.87 5.62
C LYS A 76 5.79 13.44 5.57
N GLY A 77 4.47 13.28 5.63
CA GLY A 77 3.90 11.96 5.40
C GLY A 77 3.62 11.22 6.71
N PHE A 78 4.17 11.70 7.83
CA PHE A 78 4.13 10.91 9.04
C PHE A 78 2.70 10.72 9.54
N ASN A 79 1.93 11.81 9.59
CA ASN A 79 0.65 11.75 10.26
C ASN A 79 -0.34 10.97 9.38
N GLU A 80 -0.19 11.13 8.06
CA GLU A 80 -0.92 10.29 7.13
C GLU A 80 -0.57 8.83 7.38
N GLY A 81 0.73 8.58 7.59
CA GLY A 81 1.19 7.23 7.93
C GLY A 81 0.53 6.67 9.19
N LEU A 82 0.30 7.50 10.22
CA LEU A 82 -0.32 7.00 11.42
C LEU A 82 -1.78 6.62 11.13
N TRP A 83 -2.46 7.39 10.26
CA TRP A 83 -3.84 7.04 9.98
C TRP A 83 -3.87 5.69 9.26
N GLU A 84 -2.92 5.51 8.35
CA GLU A 84 -2.93 4.31 7.51
C GLU A 84 -2.74 3.06 8.36
N ILE A 85 -1.74 3.10 9.24
CA ILE A 85 -1.41 1.92 10.01
C ILE A 85 -2.56 1.54 10.97
N GLN A 86 -3.26 2.55 11.49
CA GLN A 86 -4.36 2.32 12.42
C GLN A 86 -5.67 1.91 11.69
N ASN A 87 -5.91 2.47 10.49
CA ASN A 87 -7.22 2.43 9.83
C ASN A 87 -7.28 1.46 8.66
N ASN A 88 -6.20 1.31 7.87
CA ASN A 88 -6.25 0.41 6.73
C ASN A 88 -4.82 -0.06 6.38
N PRO A 89 -4.17 -0.80 7.31
CA PRO A 89 -2.74 -1.12 7.19
C PRO A 89 -2.44 -2.18 6.13
N HIS A 90 -3.48 -2.87 5.61
CA HIS A 90 -3.24 -3.92 4.63
C HIS A 90 -3.81 -3.57 3.25
N ALA A 91 -4.16 -2.30 3.04
CA ALA A 91 -4.68 -1.85 1.74
C ALA A 91 -3.58 -1.72 0.69
N SER A 92 -4.00 -1.70 -0.58
CA SER A 92 -3.09 -1.33 -1.66
C SER A 92 -2.93 0.19 -1.71
N TYR A 93 -1.70 0.66 -1.58
CA TYR A 93 -1.37 2.06 -1.65
C TYR A 93 -0.54 2.34 -2.91
N SER A 94 -0.60 1.41 -3.86
CA SER A 94 0.05 1.55 -5.15
C SER A 94 -0.11 3.00 -5.65
N MET B 2 -5.34 -25.19 -37.11
CA MET B 2 -4.31 -24.75 -38.09
C MET B 2 -2.96 -24.60 -37.38
N PRO B 3 -1.89 -25.29 -37.84
CA PRO B 3 -0.54 -25.04 -37.33
C PRO B 3 -0.17 -23.57 -37.43
N HIS B 4 0.46 -23.02 -36.38
CA HIS B 4 0.86 -21.62 -36.39
C HIS B 4 2.37 -21.48 -36.35
N ALA B 5 2.88 -20.25 -36.49
CA ALA B 5 4.31 -20.03 -36.41
C ALA B 5 4.81 -20.67 -35.13
N PHE B 6 4.22 -20.26 -34.00
CA PHE B 6 4.48 -20.90 -32.71
C PHE B 6 3.39 -21.94 -32.42
N LYS B 7 3.82 -23.08 -31.89
CA LYS B 7 2.92 -24.19 -31.58
C LYS B 7 2.98 -24.50 -30.08
N PRO B 8 1.91 -25.07 -29.48
CA PRO B 8 1.88 -25.35 -28.05
C PRO B 8 3.05 -26.27 -27.70
N GLY B 9 3.77 -25.93 -26.61
CA GLY B 9 4.97 -26.63 -26.21
C GLY B 9 6.25 -25.92 -26.64
N ASP B 10 6.14 -24.96 -27.58
CA ASP B 10 7.32 -24.21 -27.99
C ASP B 10 7.84 -23.41 -26.80
N LEU B 11 9.17 -23.35 -26.65
CA LEU B 11 9.77 -22.70 -25.51
C LEU B 11 10.33 -21.35 -25.96
N VAL B 12 10.20 -20.33 -25.09
CA VAL B 12 10.52 -18.97 -25.50
C VAL B 12 11.07 -18.23 -24.30
N PHE B 13 11.68 -17.06 -24.56
CA PHE B 13 11.62 -16.00 -23.58
C PHE B 13 10.51 -15.05 -24.03
N ALA B 14 9.68 -14.58 -23.06
CA ALA B 14 8.54 -13.73 -23.36
C ALA B 14 8.70 -12.39 -22.64
N LYS B 15 8.43 -11.30 -23.34
CA LYS B 15 8.74 -9.95 -22.87
C LYS B 15 7.47 -9.24 -22.43
N MET B 16 7.45 -8.85 -21.15
CA MET B 16 6.35 -8.05 -20.62
C MET B 16 6.92 -6.73 -20.15
N LYS B 17 6.15 -5.66 -20.35
CA LYS B 17 6.54 -4.35 -19.88
C LYS B 17 6.81 -4.43 -18.38
N GLY B 18 7.98 -3.94 -17.96
CA GLY B 18 8.36 -3.92 -16.56
C GLY B 18 9.18 -5.12 -16.10
N TYR B 19 9.48 -6.07 -16.99
CA TYR B 19 10.13 -7.31 -16.58
C TYR B 19 11.17 -7.69 -17.64
N PRO B 20 12.28 -8.36 -17.25
CA PRO B 20 13.23 -8.90 -18.23
C PRO B 20 12.56 -9.99 -19.07
N HIS B 21 13.09 -10.21 -20.28
CA HIS B 21 12.71 -11.36 -21.09
C HIS B 21 12.68 -12.61 -20.21
N TRP B 22 11.55 -13.30 -20.23
CA TRP B 22 11.25 -14.21 -19.13
C TRP B 22 11.07 -15.64 -19.67
N PRO B 23 11.74 -16.68 -19.10
CA PRO B 23 11.56 -18.06 -19.61
C PRO B 23 10.10 -18.45 -19.60
N ALA B 24 9.58 -18.93 -20.74
CA ALA B 24 8.16 -19.20 -20.85
C ALA B 24 7.89 -20.27 -21.92
N ARG B 25 6.61 -20.67 -22.02
CA ARG B 25 6.16 -21.61 -23.03
C ARG B 25 4.83 -21.16 -23.63
N ILE B 26 4.60 -21.56 -24.89
CA ILE B 26 3.28 -21.47 -25.51
C ILE B 26 2.44 -22.63 -24.97
N ASP B 27 1.24 -22.29 -24.51
CA ASP B 27 0.29 -23.26 -24.00
C ASP B 27 -0.81 -23.51 -25.04
N ASP B 28 -1.56 -24.61 -24.85
N ASP B 28 -1.54 -24.63 -24.90
CA ASP B 28 -2.76 -24.92 -25.60
CA ASP B 28 -2.74 -24.90 -25.69
C ASP B 28 -3.87 -23.99 -25.15
C ASP B 28 -3.92 -24.10 -25.11
N ILE B 29 -4.95 -23.91 -25.94
CA ILE B 29 -6.08 -23.04 -25.62
C ILE B 29 -7.12 -23.81 -24.77
N VAL B 34 -11.51 -18.87 -22.37
CA VAL B 34 -11.24 -17.56 -23.03
C VAL B 34 -10.17 -17.79 -24.08
N LYS B 35 -10.50 -17.54 -25.35
CA LYS B 35 -9.56 -17.70 -26.45
C LYS B 35 -8.62 -16.49 -26.52
N PRO B 36 -7.35 -16.64 -26.99
CA PRO B 36 -6.45 -15.49 -27.11
C PRO B 36 -7.00 -14.44 -28.08
N PRO B 37 -6.77 -13.14 -27.81
CA PRO B 37 -7.06 -12.08 -28.79
C PRO B 37 -6.45 -12.43 -30.15
N PRO B 38 -6.95 -11.84 -31.27
CA PRO B 38 -6.34 -12.07 -32.58
C PRO B 38 -4.83 -11.77 -32.61
N ASN B 39 -4.05 -12.70 -33.18
CA ASN B 39 -2.61 -12.56 -33.38
C ASN B 39 -1.81 -12.98 -32.15
N LYS B 40 -2.47 -13.23 -31.02
CA LYS B 40 -1.76 -13.43 -29.76
C LYS B 40 -1.78 -14.91 -29.35
N TYR B 41 -0.83 -15.30 -28.50
CA TYR B 41 -0.73 -16.68 -28.01
C TYR B 41 -0.88 -16.72 -26.49
N PRO B 42 -1.41 -17.84 -25.92
CA PRO B 42 -1.40 -18.02 -24.47
C PRO B 42 0.01 -18.38 -24.02
N ILE B 43 0.57 -17.55 -23.14
CA ILE B 43 1.90 -17.77 -22.61
C ILE B 43 1.83 -18.22 -21.14
N PHE B 44 2.68 -19.19 -20.78
CA PHE B 44 2.90 -19.59 -19.41
C PHE B 44 4.32 -19.20 -19.00
N PHE B 45 4.41 -18.34 -17.97
CA PHE B 45 5.74 -17.96 -17.50
C PHE B 45 6.21 -18.96 -16.46
N PHE B 46 7.39 -19.53 -16.69
CA PHE B 46 7.95 -20.45 -15.72
C PHE B 46 8.33 -19.66 -14.45
N GLY B 47 8.49 -20.39 -13.35
CA GLY B 47 8.83 -19.81 -12.07
C GLY B 47 7.61 -19.18 -11.40
N THR B 48 7.07 -18.13 -11.99
CA THR B 48 5.97 -17.40 -11.38
C THR B 48 4.67 -18.14 -11.64
N HIS B 49 4.66 -18.96 -12.70
CA HIS B 49 3.49 -19.70 -13.15
C HIS B 49 2.34 -18.78 -13.55
N GLU B 50 2.61 -17.52 -13.94
CA GLU B 50 1.55 -16.66 -14.44
C GLU B 50 1.31 -16.92 -15.93
N THR B 51 0.14 -16.51 -16.41
CA THR B 51 -0.22 -16.62 -17.81
C THR B 51 -0.53 -15.22 -18.32
N ALA B 52 -0.26 -14.98 -19.60
CA ALA B 52 -0.66 -13.75 -20.27
C ALA B 52 -0.89 -14.03 -21.75
N PHE B 53 -1.47 -13.06 -22.46
CA PHE B 53 -1.54 -13.14 -23.91
C PHE B 53 -0.48 -12.22 -24.52
N LEU B 54 0.35 -12.75 -25.43
CA LEU B 54 1.36 -11.92 -26.06
C LEU B 54 1.42 -12.28 -27.55
N GLY B 55 1.88 -11.30 -28.33
CA GLY B 55 2.02 -11.46 -29.77
C GLY B 55 3.48 -11.76 -30.08
N PRO B 56 3.80 -12.20 -31.31
CA PRO B 56 5.16 -12.58 -31.66
C PRO B 56 6.30 -11.59 -31.43
N LYS B 57 6.02 -10.28 -31.44
CA LYS B 57 7.07 -9.28 -31.29
C LYS B 57 7.74 -9.43 -29.91
N ASP B 58 7.01 -10.07 -28.99
CA ASP B 58 7.42 -10.19 -27.61
C ASP B 58 7.84 -11.63 -27.29
N LEU B 59 7.98 -12.48 -28.34
CA LEU B 59 8.23 -13.91 -28.18
C LEU B 59 9.53 -14.28 -28.89
N PHE B 60 10.50 -14.73 -28.10
CA PHE B 60 11.83 -15.01 -28.57
C PHE B 60 12.12 -16.51 -28.43
N PRO B 61 12.20 -17.25 -29.55
CA PRO B 61 12.61 -18.66 -29.46
C PRO B 61 13.77 -18.99 -28.50
N TYR B 62 13.55 -20.00 -27.63
CA TYR B 62 14.42 -20.21 -26.48
C TYR B 62 15.83 -20.60 -26.89
N ASP B 63 15.95 -21.54 -27.84
CA ASP B 63 17.24 -22.02 -28.34
C ASP B 63 18.09 -20.87 -28.86
N LYS B 64 17.49 -20.04 -29.72
CA LYS B 64 18.21 -18.92 -30.30
C LYS B 64 18.72 -17.96 -29.22
N SER B 65 17.95 -17.78 -28.14
CA SER B 65 18.09 -16.57 -27.34
C SER B 65 18.58 -16.85 -25.91
N LYS B 66 18.78 -18.13 -25.58
CA LYS B 66 19.05 -18.51 -24.20
C LYS B 66 20.35 -17.90 -23.67
N ASP B 67 21.36 -17.69 -24.50
CA ASP B 67 22.59 -17.21 -23.90
C ASP B 67 22.52 -15.69 -23.70
N LYS B 68 21.60 -15.05 -24.44
CA LYS B 68 21.36 -13.62 -24.27
C LYS B 68 20.47 -13.41 -23.05
N TYR B 69 19.34 -14.15 -22.97
CA TYR B 69 18.29 -13.83 -22.01
C TYR B 69 18.34 -14.72 -20.75
N GLY B 70 19.08 -15.84 -20.83
CA GLY B 70 19.00 -16.90 -19.84
C GLY B 70 19.95 -16.75 -18.66
N LYS B 71 20.26 -15.52 -18.26
CA LYS B 71 21.15 -15.28 -17.14
C LYS B 71 20.33 -15.08 -15.88
N PRO B 72 20.74 -15.60 -14.69
CA PRO B 72 20.04 -15.32 -13.45
C PRO B 72 20.02 -13.84 -13.09
N ASN B 73 18.98 -13.41 -12.36
CA ASN B 73 18.81 -12.04 -11.92
C ASN B 73 18.05 -12.06 -10.59
N LYS B 74 17.54 -10.89 -10.17
CA LYS B 74 17.02 -10.72 -8.81
C LYS B 74 15.48 -10.62 -8.81
N ARG B 75 14.85 -10.87 -9.96
CA ARG B 75 13.40 -10.86 -10.02
C ARG B 75 12.88 -12.14 -9.40
N LYS B 76 11.91 -12.01 -8.50
CA LYS B 76 11.32 -13.15 -7.80
C LYS B 76 10.74 -14.12 -8.84
N GLY B 77 11.17 -15.37 -8.77
CA GLY B 77 10.61 -16.42 -9.62
C GLY B 77 11.50 -16.66 -10.83
N PHE B 78 12.46 -15.77 -11.11
CA PHE B 78 13.21 -15.87 -12.36
C PHE B 78 14.13 -17.10 -12.36
N ASN B 79 14.98 -17.22 -11.34
CA ASN B 79 15.91 -18.34 -11.27
C ASN B 79 15.14 -19.66 -11.24
N GLU B 80 13.94 -19.64 -10.65
CA GLU B 80 13.14 -20.85 -10.60
C GLU B 80 12.65 -21.18 -12.01
N GLY B 81 12.28 -20.12 -12.77
CA GLY B 81 11.79 -20.26 -14.13
C GLY B 81 12.89 -20.82 -15.02
N LEU B 82 14.13 -20.38 -14.76
CA LEU B 82 15.26 -20.87 -15.52
C LEU B 82 15.44 -22.37 -15.25
N TRP B 83 15.24 -22.79 -14.01
CA TRP B 83 15.32 -24.21 -13.64
C TRP B 83 14.25 -25.01 -14.38
N GLU B 84 13.03 -24.49 -14.41
CA GLU B 84 11.86 -25.17 -14.97
C GLU B 84 11.99 -25.33 -16.49
N ILE B 85 12.47 -24.30 -17.18
CA ILE B 85 12.46 -24.38 -18.64
C ILE B 85 13.54 -25.35 -19.11
N GLN B 86 14.59 -25.50 -18.28
CA GLN B 86 15.71 -26.37 -18.59
C GLN B 86 15.41 -27.82 -18.18
N ASN B 87 14.69 -28.05 -17.07
CA ASN B 87 14.67 -29.38 -16.46
C ASN B 87 13.32 -30.08 -16.63
N ASN B 88 12.24 -29.31 -16.81
CA ASN B 88 10.90 -29.89 -16.94
C ASN B 88 9.93 -28.90 -17.59
N PRO B 89 10.23 -28.44 -18.82
CA PRO B 89 9.42 -27.41 -19.48
C PRO B 89 7.98 -27.79 -19.79
N HIS B 90 7.68 -29.11 -19.83
CA HIS B 90 6.36 -29.52 -20.30
C HIS B 90 5.50 -30.09 -19.15
N ALA B 91 5.93 -29.83 -17.91
CA ALA B 91 5.21 -30.32 -16.74
C ALA B 91 3.91 -29.54 -16.52
N SER B 92 3.01 -30.16 -15.74
CA SER B 92 1.87 -29.49 -15.15
C SER B 92 2.34 -28.75 -13.90
N TYR B 93 2.10 -27.43 -13.88
CA TYR B 93 2.43 -26.52 -12.79
C TYR B 93 1.13 -26.05 -12.16
N SER B 94 0.02 -26.62 -12.65
CA SER B 94 -1.34 -26.58 -12.11
C SER B 94 -1.44 -25.59 -10.96
N HIS C 4 -30.75 16.41 14.17
CA HIS C 4 -29.84 15.86 15.22
C HIS C 4 -29.77 16.87 16.36
N ALA C 5 -28.79 16.69 17.27
CA ALA C 5 -28.47 17.64 18.33
C ALA C 5 -27.04 17.43 18.84
N PHE C 6 -26.46 18.50 19.39
CA PHE C 6 -25.03 18.54 19.69
C PHE C 6 -24.83 19.23 21.03
N LYS C 7 -24.06 18.59 21.93
CA LYS C 7 -23.67 19.21 23.18
C LYS C 7 -22.16 19.42 23.16
N PRO C 8 -21.60 20.27 24.05
CA PRO C 8 -20.14 20.48 24.06
C PRO C 8 -19.44 19.12 24.20
N GLY C 9 -18.26 19.00 23.58
CA GLY C 9 -17.43 17.80 23.65
C GLY C 9 -17.77 16.75 22.58
N ASP C 10 -18.95 16.85 21.96
CA ASP C 10 -19.37 15.96 20.89
C ASP C 10 -18.43 16.03 19.68
N LEU C 11 -18.08 14.85 19.13
CA LEU C 11 -17.10 14.75 18.05
C LEU C 11 -17.83 14.73 16.69
N VAL C 12 -17.35 15.55 15.73
CA VAL C 12 -18.01 15.71 14.43
C VAL C 12 -16.98 15.86 13.30
N PHE C 13 -17.47 15.81 12.05
CA PHE C 13 -16.85 16.46 10.90
C PHE C 13 -17.62 17.75 10.60
N ALA C 14 -16.87 18.85 10.42
CA ALA C 14 -17.47 20.18 10.27
C ALA C 14 -17.06 20.73 8.91
N LYS C 15 -18.05 21.18 8.14
CA LYS C 15 -17.80 21.63 6.78
C LYS C 15 -17.92 23.14 6.70
N MET C 16 -16.83 23.78 6.24
CA MET C 16 -16.75 25.20 5.94
C MET C 16 -16.49 25.34 4.44
N LYS C 17 -17.00 26.43 3.84
CA LYS C 17 -16.69 26.71 2.44
C LYS C 17 -15.17 26.85 2.30
N GLY C 18 -14.62 26.12 1.32
CA GLY C 18 -13.22 26.26 0.96
C GLY C 18 -12.33 25.21 1.63
N TYR C 19 -12.96 24.27 2.35
CA TYR C 19 -12.25 23.27 3.15
C TYR C 19 -13.01 21.96 3.04
N PRO C 20 -12.28 20.83 3.09
CA PRO C 20 -12.91 19.52 3.21
C PRO C 20 -13.60 19.36 4.57
N HIS C 21 -14.53 18.40 4.66
CA HIS C 21 -15.13 18.05 5.92
C HIS C 21 -14.01 17.79 6.92
N TRP C 22 -14.05 18.50 8.06
CA TRP C 22 -12.87 18.58 8.90
C TRP C 22 -13.13 17.96 10.28
N PRO C 23 -12.23 17.14 10.85
CA PRO C 23 -12.47 16.57 12.18
C PRO C 23 -12.48 17.68 13.23
N ALA C 24 -13.48 17.61 14.11
CA ALA C 24 -13.74 18.70 15.04
C ALA C 24 -14.60 18.23 16.20
N ARG C 25 -14.75 19.11 17.20
CA ARG C 25 -15.70 18.87 18.26
C ARG C 25 -16.53 20.13 18.51
N ILE C 26 -17.67 19.91 19.18
CA ILE C 26 -18.49 20.99 19.70
C ILE C 26 -17.84 21.51 20.98
N ASP C 27 -17.63 22.83 21.02
CA ASP C 27 -17.21 23.50 22.24
C ASP C 27 -18.43 23.86 23.08
N ASP C 28 -18.17 24.32 24.31
CA ASP C 28 -19.16 25.05 25.09
C ASP C 28 -18.86 26.53 24.93
N ILE C 29 -19.88 27.37 25.17
CA ILE C 29 -19.67 28.80 25.20
C ILE C 29 -19.68 29.23 26.67
N ALA C 30 -18.60 29.90 27.10
CA ALA C 30 -18.51 30.45 28.44
C ALA C 30 -19.72 31.34 28.75
N LYS C 35 -21.75 35.53 22.36
CA LYS C 35 -22.78 34.47 22.14
C LYS C 35 -22.72 34.06 20.67
N PRO C 36 -23.04 32.79 20.32
CA PRO C 36 -23.07 32.38 18.91
C PRO C 36 -24.10 33.18 18.11
N PRO C 37 -23.90 33.41 16.80
CA PRO C 37 -24.99 33.89 15.95
C PRO C 37 -26.17 32.92 16.11
N PRO C 38 -27.43 33.37 15.92
CA PRO C 38 -28.58 32.50 16.09
C PRO C 38 -28.34 31.18 15.40
N ASN C 39 -28.50 30.10 16.19
CA ASN C 39 -28.61 28.74 15.72
C ASN C 39 -27.26 28.25 15.20
N LYS C 40 -26.16 28.78 15.78
CA LYS C 40 -24.81 28.38 15.40
C LYS C 40 -24.09 27.76 16.59
N TYR C 41 -23.27 26.73 16.33
CA TYR C 41 -22.48 26.11 17.38
C TYR C 41 -21.04 26.57 17.31
N PRO C 42 -20.35 26.66 18.50
CA PRO C 42 -18.92 26.94 18.55
C PRO C 42 -18.26 25.60 18.27
N ILE C 43 -17.41 25.62 17.24
CA ILE C 43 -16.71 24.43 16.76
C ILE C 43 -15.22 24.63 17.04
N PHE C 44 -14.54 23.56 17.48
CA PHE C 44 -13.09 23.56 17.55
C PHE C 44 -12.55 22.56 16.54
N PHE C 45 -11.62 22.99 15.69
CA PHE C 45 -11.10 22.12 14.66
C PHE C 45 -9.86 21.39 15.16
N PHE C 46 -9.87 20.05 15.03
CA PHE C 46 -8.65 19.29 15.34
C PHE C 46 -7.54 19.61 14.34
N GLY C 47 -6.29 19.41 14.79
CA GLY C 47 -5.15 19.60 13.91
C GLY C 47 -4.70 21.07 13.86
N THR C 48 -5.55 21.93 13.28
CA THR C 48 -5.22 23.35 13.19
C THR C 48 -5.46 24.03 14.55
N HIS C 49 -6.42 23.48 15.33
CA HIS C 49 -6.82 24.02 16.62
C HIS C 49 -7.43 25.42 16.52
N GLU C 50 -8.22 25.64 15.48
CA GLU C 50 -8.93 26.90 15.32
C GLU C 50 -10.39 26.75 15.71
N THR C 51 -11.10 27.89 15.75
CA THR C 51 -12.50 27.87 16.14
C THR C 51 -13.33 28.59 15.06
N ALA C 52 -14.62 28.23 15.00
CA ALA C 52 -15.60 28.96 14.21
C ALA C 52 -16.99 28.65 14.72
N PHE C 53 -17.98 29.41 14.24
CA PHE C 53 -19.38 29.08 14.46
C PHE C 53 -19.93 28.44 13.20
N LEU C 54 -20.63 27.30 13.35
CA LEU C 54 -21.27 26.66 12.21
C LEU C 54 -22.69 26.23 12.58
N GLY C 55 -23.57 26.15 11.58
CA GLY C 55 -24.91 25.65 11.78
C GLY C 55 -24.98 24.12 11.65
N PRO C 56 -26.06 23.50 12.16
CA PRO C 56 -26.11 22.04 12.30
C PRO C 56 -26.09 21.35 10.93
N LYS C 57 -26.43 22.10 9.88
CA LYS C 57 -26.36 21.63 8.51
C LYS C 57 -24.92 21.25 8.18
N ASP C 58 -23.97 21.86 8.89
CA ASP C 58 -22.58 21.78 8.45
C ASP C 58 -21.83 20.80 9.32
N LEU C 59 -22.56 20.02 10.12
CA LEU C 59 -21.97 19.18 11.14
C LEU C 59 -22.47 17.75 10.97
N PHE C 60 -21.57 16.78 11.21
CA PHE C 60 -21.83 15.36 11.02
C PHE C 60 -21.23 14.58 12.19
N PRO C 61 -22.00 13.75 12.94
CA PRO C 61 -21.44 13.03 14.09
C PRO C 61 -20.32 12.12 13.57
N TYR C 62 -19.22 12.11 14.33
CA TYR C 62 -17.96 11.50 13.96
C TYR C 62 -18.12 10.00 13.76
N ASP C 63 -18.79 9.33 14.71
CA ASP C 63 -19.01 7.91 14.58
C ASP C 63 -19.81 7.57 13.32
N LYS C 64 -20.87 8.34 13.06
CA LYS C 64 -21.75 8.06 11.94
C LYS C 64 -21.05 8.27 10.60
N SER C 65 -20.13 9.26 10.52
CA SER C 65 -19.71 9.71 9.20
C SER C 65 -18.22 9.48 8.93
N LYS C 66 -17.48 8.91 9.87
CA LYS C 66 -16.04 8.78 9.68
C LYS C 66 -15.67 7.87 8.51
N ASP C 67 -16.54 6.91 8.16
CA ASP C 67 -16.27 6.04 7.03
C ASP C 67 -16.18 6.87 5.74
N LYS C 68 -16.95 7.96 5.68
CA LYS C 68 -16.96 8.84 4.52
C LYS C 68 -15.85 9.91 4.61
N TYR C 69 -15.74 10.60 5.76
CA TYR C 69 -14.91 11.81 5.77
C TYR C 69 -13.57 11.55 6.42
N GLY C 70 -13.46 10.44 7.18
CA GLY C 70 -12.24 10.21 7.95
C GLY C 70 -11.24 9.45 7.09
N LYS C 71 -10.62 10.20 6.18
CA LYS C 71 -9.62 9.67 5.26
C LYS C 71 -8.61 10.79 5.09
N PRO C 72 -7.30 10.49 4.93
CA PRO C 72 -6.30 11.55 4.86
C PRO C 72 -6.54 12.58 3.77
N ASN C 73 -6.01 13.77 3.98
CA ASN C 73 -5.80 14.63 2.83
C ASN C 73 -4.63 15.55 3.14
N LYS C 74 -4.20 16.28 2.12
CA LYS C 74 -2.94 16.99 2.21
C LYS C 74 -3.14 18.39 2.81
N ARG C 75 -4.38 18.77 3.18
CA ARG C 75 -4.57 20.13 3.69
C ARG C 75 -3.89 20.26 5.05
N LYS C 76 -3.33 21.46 5.28
CA LYS C 76 -2.53 21.77 6.45
C LYS C 76 -3.29 21.41 7.74
N GLY C 77 -2.69 20.50 8.53
CA GLY C 77 -3.23 20.19 9.85
C GLY C 77 -4.25 19.05 9.80
N PHE C 78 -4.67 18.63 8.60
CA PHE C 78 -5.80 17.71 8.53
C PHE C 78 -5.42 16.36 9.17
N ASN C 79 -4.26 15.86 8.79
CA ASN C 79 -3.93 14.49 9.12
C ASN C 79 -3.68 14.43 10.62
N GLU C 80 -3.10 15.50 11.15
CA GLU C 80 -2.85 15.56 12.58
C GLU C 80 -4.19 15.66 13.31
N GLY C 81 -5.15 16.36 12.68
CA GLY C 81 -6.51 16.41 13.20
C GLY C 81 -7.16 15.02 13.26
N LEU C 82 -6.92 14.21 12.22
CA LEU C 82 -7.47 12.87 12.23
C LEU C 82 -6.89 12.04 13.38
N TRP C 83 -5.60 12.25 13.67
CA TRP C 83 -4.97 11.54 14.78
C TRP C 83 -5.59 11.97 16.12
N GLU C 84 -5.80 13.28 16.29
CA GLU C 84 -6.37 13.79 17.54
C GLU C 84 -7.79 13.27 17.77
N ILE C 85 -8.62 13.26 16.72
CA ILE C 85 -10.03 12.89 16.86
C ILE C 85 -10.21 11.43 17.28
N GLN C 86 -9.34 10.54 16.78
CA GLN C 86 -9.35 9.12 17.10
C GLN C 86 -8.66 8.81 18.44
N ASN C 87 -7.60 9.56 18.78
CA ASN C 87 -6.59 9.14 19.75
C ASN C 87 -6.44 10.08 20.96
N ASN C 88 -7.09 11.25 20.94
CA ASN C 88 -6.91 12.22 22.03
C ASN C 88 -7.92 13.35 21.83
N PRO C 89 -9.22 13.01 21.71
CA PRO C 89 -10.22 14.00 21.31
C PRO C 89 -10.55 15.08 22.34
N HIS C 90 -10.01 14.93 23.56
CA HIS C 90 -10.43 15.77 24.68
C HIS C 90 -9.27 16.52 25.33
N ALA C 91 -8.06 16.41 24.77
CA ALA C 91 -6.93 17.23 25.22
C ALA C 91 -7.22 18.72 24.98
N SER C 92 -6.35 19.59 25.50
CA SER C 92 -6.59 21.02 25.64
C SER C 92 -6.16 21.80 24.40
N TYR C 93 -4.94 21.53 23.92
CA TYR C 93 -4.36 22.20 22.76
C TYR C 93 -4.45 23.73 22.93
#